data_2NUO
#
_entry.id   2NUO
#
_cell.length_a   37.490
_cell.length_b   53.670
_cell.length_c   103.830
_cell.angle_alpha   90.00
_cell.angle_beta   90.00
_cell.angle_gamma   90.00
#
_symmetry.space_group_name_H-M   'P 21 21 21'
#
loop_
_entity.id
_entity.type
_entity.pdbx_description
1 polymer Griffithsin
2 non-polymer beta-D-glucopyranose
3 non-polymer 'SULFATE ION'
4 non-polymer 1,2-ETHANEDIOL
5 water water
#
_entity_poly.entity_id   1
_entity_poly.type   'polypeptide(L)'
_entity_poly.pdbx_seq_one_letter_code
;(ACE)SLTHRKFGGSGGSPFSGLSSIAVRSGSYLDAIIIDGVHHGGSGGNLSPTFTFGSGEYISNMTIRSGDYIDNISFE
TNMGRRFGPYGGSGGSANTLSNVKVIQINGSAGDYLDSLDIYYEQY
;
_entity_poly.pdbx_strand_id   A,B
#
loop_
_chem_comp.id
_chem_comp.type
_chem_comp.name
_chem_comp.formula
ACE non-polymer 'ACETYL GROUP' 'C2 H4 O'
BGC D-saccharide, beta linking beta-D-glucopyranose 'C6 H12 O6'
EDO non-polymer 1,2-ETHANEDIOL 'C2 H6 O2'
SO4 non-polymer 'SULFATE ION' 'O4 S -2'
#
# COMPACT_ATOMS: atom_id res chain seq x y z
C ACE A 1 -9.67 -8.61 9.60
O ACE A 1 -8.92 -7.79 10.11
CH3 ACE A 1 -11.08 -8.15 9.34
N SER A 2 -9.37 -9.90 9.56
CA SER A 2 -8.03 -10.30 9.79
C SER A 2 -7.19 -10.17 8.53
N LEU A 3 -6.02 -9.63 8.71
CA LEU A 3 -5.05 -9.51 7.63
C LEU A 3 -4.42 -10.89 7.31
N THR A 4 -4.41 -11.23 6.03
CA THR A 4 -3.78 -12.43 5.55
C THR A 4 -3.07 -12.13 4.22
N HIS A 5 -2.32 -13.08 3.71
CA HIS A 5 -1.68 -12.89 2.44
C HIS A 5 -1.59 -14.21 1.71
N ARG A 6 -1.40 -14.08 0.42
CA ARG A 6 -1.17 -15.22 -0.45
C ARG A 6 -0.13 -14.83 -1.52
N LYS A 7 0.83 -15.76 -1.77
CA LYS A 7 1.82 -15.59 -2.78
C LYS A 7 1.43 -16.30 -4.07
N PHE A 8 1.75 -15.73 -5.23
CA PHE A 8 1.48 -16.29 -6.55
C PHE A 8 2.77 -16.15 -7.37
N GLY A 9 3.10 -17.11 -8.23
CA GLY A 9 4.28 -17.00 -9.11
C GLY A 9 5.49 -17.77 -8.66
N GLY A 10 6.60 -17.43 -9.29
CA GLY A 10 7.83 -18.16 -9.10
C GLY A 10 8.80 -17.51 -8.19
N SER A 11 10.06 -17.98 -8.26
CA SER A 11 11.14 -17.60 -7.36
C SER A 11 12.10 -16.53 -7.83
N GLY A 12 11.95 -16.07 -9.05
CA GLY A 12 12.85 -15.10 -9.67
C GLY A 12 12.58 -13.64 -9.28
N GLY A 13 13.48 -12.78 -9.79
CA GLY A 13 13.28 -11.34 -9.66
C GLY A 13 13.78 -10.81 -8.35
N SER A 14 13.72 -9.48 -8.20
CA SER A 14 14.17 -8.76 -7.01
C SER A 14 12.91 -8.25 -6.27
N PRO A 15 12.84 -8.28 -4.91
CA PRO A 15 11.63 -7.92 -4.20
C PRO A 15 11.29 -6.48 -4.27
N PHE A 16 9.97 -6.19 -4.29
CA PHE A 16 9.47 -4.87 -4.19
C PHE A 16 8.28 -4.81 -3.24
N SER A 17 7.96 -3.60 -2.79
CA SER A 17 6.78 -3.29 -1.98
C SER A 17 5.93 -2.27 -2.63
N GLY A 18 4.61 -2.35 -2.41
CA GLY A 18 3.73 -1.32 -2.93
C GLY A 18 3.85 -0.01 -2.17
N LEU A 19 4.37 -0.02 -0.95
CA LEU A 19 4.53 1.24 -0.16
C LEU A 19 5.92 1.83 -0.51
N SER A 20 5.94 2.90 -1.33
CA SER A 20 7.17 3.52 -1.85
C SER A 20 7.65 4.75 -1.08
N SER A 21 6.73 5.63 -0.71
CA SER A 21 7.17 6.91 -0.13
C SER A 21 6.12 7.49 0.79
N ILE A 22 6.58 8.30 1.73
CA ILE A 22 5.69 9.01 2.67
C ILE A 22 6.18 10.45 2.80
N ALA A 23 5.26 11.42 2.81
CA ALA A 23 5.49 12.76 3.32
C ALA A 23 4.30 13.15 4.15
N VAL A 24 4.37 14.27 4.80
CA VAL A 24 3.21 14.81 5.53
C VAL A 24 3.14 16.30 5.34
N ARG A 25 1.95 16.87 5.56
CA ARG A 25 1.79 18.29 5.84
C ARG A 25 1.46 18.35 7.32
N SER A 26 2.12 19.25 8.04
CA SER A 26 1.93 19.28 9.48
C SER A 26 2.13 20.68 10.08
N GLY A 27 1.38 20.92 11.13
CA GLY A 27 1.52 22.13 11.92
C GLY A 27 1.49 21.67 13.37
N SER A 28 0.44 22.00 14.09
CA SER A 28 0.20 21.43 15.37
C SER A 28 -0.38 19.99 15.25
N TYR A 29 -1.01 19.69 14.10
CA TYR A 29 -1.51 18.34 13.78
C TYR A 29 -0.88 17.87 12.49
N LEU A 30 -1.22 16.66 12.11
CA LEU A 30 -0.97 16.25 10.74
C LEU A 30 -2.18 16.68 9.90
N ASP A 31 -1.96 17.66 9.04
CA ASP A 31 -2.95 18.12 8.09
C ASP A 31 -3.20 17.09 7.01
N ALA A 32 -2.13 16.37 6.62
CA ALA A 32 -2.23 15.41 5.53
C ALA A 32 -1.08 14.42 5.59
N ILE A 33 -1.31 13.27 4.98
CA ILE A 33 -0.26 12.30 4.71
C ILE A 33 -0.28 12.07 3.22
N ILE A 34 0.93 11.96 2.66
CA ILE A 34 1.13 11.84 1.22
C ILE A 34 1.79 10.53 0.96
N ILE A 35 1.02 9.55 0.45
CA ILE A 35 1.47 8.20 0.26
C ILE A 35 1.69 7.90 -1.20
N ASP A 36 2.92 7.60 -1.54
CA ASP A 36 3.29 7.36 -2.94
C ASP A 36 2.83 8.55 -3.78
N GLY A 37 2.99 9.76 -3.24
CA GLY A 37 2.64 10.97 -3.97
C GLY A 37 1.18 11.39 -3.88
N VAL A 38 0.30 10.56 -3.32
CA VAL A 38 -1.13 10.83 -3.25
C VAL A 38 -1.51 11.49 -1.94
N HIS A 39 -2.03 12.70 -2.02
CA HIS A 39 -2.35 13.53 -0.89
C HIS A 39 -3.66 13.08 -0.22
N HIS A 40 -3.60 12.81 1.08
CA HIS A 40 -4.78 12.53 1.92
C HIS A 40 -4.90 13.47 3.08
N GLY A 41 -5.82 14.40 3.00
CA GLY A 41 -6.04 15.42 4.02
C GLY A 41 -6.17 16.81 3.44
N GLY A 42 -5.93 17.83 4.23
CA GLY A 42 -6.15 19.21 3.88
C GLY A 42 -4.92 19.95 3.42
N SER A 43 -5.09 21.27 3.34
CA SER A 43 -4.11 22.12 2.75
C SER A 43 -3.33 22.93 3.80
N GLY A 44 -3.67 22.77 5.10
CA GLY A 44 -2.94 23.44 6.15
C GLY A 44 -1.53 22.92 6.38
N GLY A 45 -0.83 23.51 7.33
CA GLY A 45 0.49 23.13 7.70
C GLY A 45 1.55 23.29 6.63
N ASN A 46 2.69 22.68 6.87
CA ASN A 46 3.84 22.77 6.02
C ASN A 46 4.26 21.40 5.54
N LEU A 47 4.74 21.35 4.31
CA LEU A 47 5.12 20.09 3.65
C LEU A 47 6.47 19.60 4.15
N SER A 48 6.50 18.38 4.66
CA SER A 48 7.75 17.73 5.05
C SER A 48 8.52 17.30 3.86
N PRO A 49 9.80 16.94 4.05
CA PRO A 49 10.49 16.21 2.99
C PRO A 49 9.86 14.82 2.76
N THR A 50 10.16 14.22 1.63
CA THR A 50 9.62 12.91 1.26
C THR A 50 10.62 11.85 1.66
N PHE A 51 10.11 10.82 2.31
CA PHE A 51 10.92 9.65 2.64
C PHE A 51 10.59 8.54 1.69
N THR A 52 11.59 8.03 1.06
CA THR A 52 11.47 6.99 0.05
C THR A 52 12.14 5.71 0.57
N PHE A 53 11.38 4.61 0.59
CA PHE A 53 11.90 3.36 1.08
C PHE A 53 12.78 2.71 0.05
N GLY A 54 13.90 2.20 0.49
CA GLY A 54 14.70 1.34 -0.40
C GLY A 54 14.11 -0.06 -0.51
N SER A 55 14.65 -0.83 -1.42
CA SER A 55 14.38 -2.26 -1.43
C SER A 55 14.76 -2.90 -0.11
N GLY A 56 13.82 -3.71 0.36
CA GLY A 56 13.97 -4.47 1.56
C GLY A 56 13.75 -3.64 2.81
N GLU A 57 13.40 -2.36 2.64
CA GLU A 57 13.29 -1.47 3.79
C GLU A 57 11.84 -1.33 4.21
N TYR A 58 11.61 -1.29 5.51
CA TYR A 58 10.29 -1.11 6.05
C TYR A 58 10.31 -0.46 7.44
N ILE A 59 9.18 0.13 7.84
CA ILE A 59 9.00 0.68 9.14
C ILE A 59 9.05 -0.44 10.18
N SER A 60 9.98 -0.33 11.16
CA SER A 60 10.11 -1.28 12.24
C SER A 60 9.67 -0.76 13.59
N ASN A 61 9.63 0.54 13.75
CA ASN A 61 9.12 1.16 14.96
CA ASN A 61 9.23 1.21 14.99
C ASN A 61 8.51 2.51 14.63
N MET A 62 7.49 2.87 15.34
CA MET A 62 6.73 4.11 15.02
C MET A 62 6.10 4.66 16.25
N THR A 63 6.05 5.99 16.34
CA THR A 63 5.35 6.66 17.44
C THR A 63 4.33 7.59 16.79
N ILE A 64 3.07 7.39 17.15
CA ILE A 64 1.96 8.21 16.67
C ILE A 64 1.29 8.87 17.87
N ARG A 65 1.23 10.21 17.86
CA ARG A 65 0.49 10.97 18.91
C ARG A 65 -0.86 11.22 18.30
N SER A 66 -1.91 11.04 19.08
CA SER A 66 -3.24 11.23 18.55
C SER A 66 -4.22 11.57 19.65
N GLY A 67 -5.31 12.19 19.20
CA GLY A 67 -6.50 12.43 20.01
C GLY A 67 -7.68 12.29 19.11
N ASP A 68 -8.32 13.41 18.82
CA ASP A 68 -9.41 13.42 17.80
C ASP A 68 -8.79 13.25 16.40
N TYR A 69 -7.55 13.74 16.24
CA TYR A 69 -6.79 13.68 14.98
C TYR A 69 -5.43 13.02 15.20
N ILE A 70 -4.67 12.84 14.15
CA ILE A 70 -3.27 12.48 14.32
C ILE A 70 -2.54 13.78 14.61
N ASP A 71 -1.89 13.86 15.76
CA ASP A 71 -1.12 15.06 16.22
C ASP A 71 0.36 15.07 15.70
N ASN A 72 0.94 13.87 15.55
CA ASN A 72 2.39 13.71 15.32
C ASN A 72 2.72 12.31 14.87
N ILE A 73 3.66 12.19 13.95
CA ILE A 73 4.18 10.90 13.53
C ILE A 73 5.71 10.94 13.51
N SER A 74 6.34 9.85 13.93
CA SER A 74 7.77 9.54 13.70
C SER A 74 7.93 8.08 13.46
N PHE A 75 8.91 7.67 12.67
CA PHE A 75 9.22 6.25 12.52
C PHE A 75 10.66 6.03 12.25
N GLU A 76 11.03 4.78 12.44
CA GLU A 76 12.38 4.26 12.15
C GLU A 76 12.23 3.01 11.33
N THR A 77 13.15 2.81 10.41
CA THR A 77 13.15 1.61 9.57
C THR A 77 14.12 0.59 10.08
N ASN A 78 13.97 -0.60 9.52
CA ASN A 78 14.86 -1.74 9.77
C ASN A 78 16.29 -1.47 9.38
N MET A 79 16.54 -0.43 8.60
CA MET A 79 17.89 -0.03 8.16
C MET A 79 18.42 1.17 8.89
N GLY A 80 17.71 1.59 9.95
CA GLY A 80 18.18 2.70 10.81
C GLY A 80 17.90 4.08 10.29
N ARG A 81 17.03 4.20 9.32
CA ARG A 81 16.58 5.49 8.78
C ARG A 81 15.44 5.97 9.60
N ARG A 82 15.28 7.29 9.67
CA ARG A 82 14.21 7.90 10.46
C ARG A 82 13.42 8.91 9.66
N PHE A 83 12.18 9.10 10.07
CA PHE A 83 11.27 10.09 9.55
C PHE A 83 10.65 10.80 10.71
N GLY A 84 10.66 12.13 10.71
CA GLY A 84 10.03 12.88 11.81
C GLY A 84 10.92 12.98 13.02
N PRO A 85 10.34 13.41 14.15
CA PRO A 85 8.92 13.67 14.38
C PRO A 85 8.44 14.89 13.57
N TYR A 86 7.21 14.78 13.04
CA TYR A 86 6.48 15.92 12.49
C TYR A 86 5.13 16.05 13.17
N GLY A 87 4.73 17.29 13.46
CA GLY A 87 3.49 17.65 14.12
C GLY A 87 3.71 18.34 15.40
N GLY A 88 2.70 18.25 16.26
CA GLY A 88 2.72 18.96 17.54
C GLY A 88 2.74 18.01 18.72
N SER A 89 2.50 18.58 19.91
CA SER A 89 2.63 17.84 21.17
C SER A 89 1.30 17.50 21.86
N GLY A 90 0.20 17.69 21.14
CA GLY A 90 -1.11 17.32 21.60
C GLY A 90 -1.32 15.82 21.58
N GLY A 91 -2.53 15.43 21.98
CA GLY A 91 -2.93 14.07 22.09
C GLY A 91 -2.09 13.31 23.08
N SER A 92 -2.04 12.00 22.94
CA SER A 92 -1.15 11.13 23.70
C SER A 92 -0.41 10.21 22.73
N ALA A 93 0.81 9.84 23.08
CA ALA A 93 1.56 8.91 22.27
C ALA A 93 1.20 7.45 22.39
N ASN A 94 1.32 6.78 21.25
CA ASN A 94 1.32 5.34 21.16
C ASN A 94 2.46 4.90 20.28
N THR A 95 3.17 3.85 20.69
CA THR A 95 4.34 3.34 19.97
C THR A 95 4.14 1.91 19.55
N LEU A 96 4.54 1.60 18.31
CA LEU A 96 4.73 0.24 17.77
C LEU A 96 6.22 -0.09 17.70
N SER A 97 6.59 -1.30 18.16
CA SER A 97 7.96 -1.70 18.23
C SER A 97 8.09 -3.12 17.68
N ASN A 98 9.20 -3.36 17.00
CA ASN A 98 9.50 -4.66 16.43
C ASN A 98 8.38 -5.15 15.55
N VAL A 99 8.05 -4.29 14.58
CA VAL A 99 7.07 -4.58 13.59
C VAL A 99 7.67 -4.59 12.18
N LYS A 100 6.84 -4.95 11.22
CA LYS A 100 7.09 -4.69 9.79
C LYS A 100 5.81 -4.07 9.25
N VAL A 101 5.79 -2.78 8.97
CA VAL A 101 4.59 -2.14 8.40
C VAL A 101 4.48 -2.57 6.95
N ILE A 102 3.31 -3.06 6.61
CA ILE A 102 2.95 -3.50 5.24
C ILE A 102 2.17 -2.47 4.49
N GLN A 103 1.27 -1.73 5.14
CA GLN A 103 0.47 -0.71 4.48
C GLN A 103 0.01 0.31 5.49
N ILE A 104 -0.21 1.54 4.99
CA ILE A 104 -0.80 2.63 5.72
C ILE A 104 -2.08 3.04 5.02
N ASN A 105 -3.19 2.78 5.67
CA ASN A 105 -4.50 3.35 5.27
C ASN A 105 -4.90 4.38 6.35
N GLY A 106 -6.07 4.99 6.24
CA GLY A 106 -6.51 5.93 7.25
C GLY A 106 -7.77 6.60 6.89
N SER A 107 -8.10 7.68 7.60
CA SER A 107 -9.25 8.51 7.30
C SER A 107 -8.83 9.96 7.38
N ALA A 108 -9.36 10.81 6.50
CA ALA A 108 -8.97 12.20 6.43
C ALA A 108 -10.10 13.11 5.99
N GLY A 109 -10.02 14.34 6.41
CA GLY A 109 -10.90 15.42 5.96
C GLY A 109 -10.02 16.65 5.71
N ASP A 110 -10.22 17.66 6.55
CA ASP A 110 -9.34 18.84 6.56
C ASP A 110 -7.99 18.46 7.25
N TYR A 111 -8.02 17.44 8.10
CA TYR A 111 -6.85 16.90 8.76
C TYR A 111 -6.75 15.43 8.55
N LEU A 112 -5.65 14.85 9.00
CA LEU A 112 -5.55 13.41 9.10
C LEU A 112 -6.24 12.97 10.38
N ASP A 113 -7.46 12.44 10.30
CA ASP A 113 -8.21 12.01 11.47
C ASP A 113 -7.62 10.76 12.12
N SER A 114 -7.24 9.81 11.29
CA SER A 114 -6.82 8.53 11.76
C SER A 114 -5.93 7.77 10.76
N LEU A 115 -5.10 6.90 11.31
CA LEU A 115 -4.26 5.98 10.59
C LEU A 115 -4.66 4.56 10.93
N ASP A 116 -4.75 3.70 9.91
CA ASP A 116 -5.01 2.31 10.07
C ASP A 116 -3.73 1.64 9.58
N ILE A 117 -2.90 1.14 10.47
CA ILE A 117 -1.56 0.60 10.16
C ILE A 117 -1.69 -0.91 10.05
N TYR A 118 -1.29 -1.52 8.94
CA TYR A 118 -1.33 -2.96 8.71
C TYR A 118 0.10 -3.44 8.78
N TYR A 119 0.35 -4.43 9.64
CA TYR A 119 1.68 -4.78 10.03
C TYR A 119 1.82 -6.16 10.52
N GLU A 120 3.05 -6.64 10.46
CA GLU A 120 3.41 -7.84 11.19
C GLU A 120 3.98 -7.46 12.51
N GLN A 121 3.47 -8.05 13.61
CA GLN A 121 4.02 -7.82 14.93
C GLN A 121 4.93 -8.96 15.32
N TYR A 122 6.19 -8.68 15.53
CA TYR A 122 7.12 -9.69 15.99
C TYR A 122 7.33 -9.62 17.49
C ACE B 1 3.24 -13.00 13.63
O ACE B 1 2.72 -13.85 12.87
CH3 ACE B 1 4.68 -12.94 14.03
N SER B 2 2.56 -11.99 14.07
CA SER B 2 1.13 -11.92 13.83
C SER B 2 0.90 -10.82 12.80
N LEU B 3 0.22 -11.12 11.73
CA LEU B 3 -0.34 -10.09 10.81
C LEU B 3 -1.56 -9.47 11.51
N THR B 4 -1.61 -8.16 11.59
CA THR B 4 -2.66 -7.46 12.28
C THR B 4 -2.75 -6.03 11.73
N HIS B 5 -3.65 -5.31 12.34
CA HIS B 5 -3.77 -3.92 12.07
C HIS B 5 -4.25 -3.23 13.32
N ARG B 6 -4.00 -1.94 13.35
CA ARG B 6 -4.36 -1.09 14.43
C ARG B 6 -4.73 0.30 13.97
N LYS B 7 -5.79 0.84 14.54
CA LYS B 7 -6.29 2.20 14.26
C LYS B 7 -5.89 3.17 15.31
N PHE B 8 -5.37 4.33 14.92
CA PHE B 8 -4.94 5.40 15.76
C PHE B 8 -5.68 6.61 15.36
N GLY B 9 -6.12 7.41 16.30
CA GLY B 9 -6.82 8.66 16.04
C GLY B 9 -8.29 8.61 16.32
N GLY B 10 -9.02 9.56 15.75
CA GLY B 10 -10.42 9.70 16.03
C GLY B 10 -11.36 9.11 15.02
N SER B 11 -12.64 9.47 15.12
CA SER B 11 -13.69 8.79 14.36
C SER B 11 -14.04 9.51 13.06
N GLY B 12 -13.50 10.69 12.80
CA GLY B 12 -13.92 11.52 11.67
C GLY B 12 -13.20 11.19 10.37
N GLY B 13 -13.48 11.98 9.34
CA GLY B 13 -12.84 11.83 8.08
C GLY B 13 -13.42 10.74 7.23
N SER B 14 -12.88 10.66 6.03
CA SER B 14 -13.27 9.68 5.03
C SER B 14 -12.11 8.72 4.74
N PRO B 15 -12.38 7.44 4.72
CA PRO B 15 -11.34 6.48 4.54
C PRO B 15 -10.58 6.60 3.26
N PHE B 16 -9.30 6.34 3.34
CA PHE B 16 -8.46 6.23 2.18
C PHE B 16 -7.58 4.99 2.27
N SER B 17 -7.02 4.60 1.13
CA SER B 17 -6.10 3.50 0.99
C SER B 17 -4.75 3.95 0.47
N GLY B 18 -3.66 3.37 0.98
CA GLY B 18 -2.37 3.60 0.44
C GLY B 18 -2.19 3.04 -0.94
N LEU B 19 -3.03 2.07 -1.31
CA LEU B 19 -3.05 1.48 -2.64
C LEU B 19 -4.04 2.28 -3.48
N SER B 20 -3.52 3.22 -4.24
CA SER B 20 -4.33 4.18 -4.97
C SER B 20 -4.61 3.85 -6.41
N SER B 21 -3.66 3.22 -7.12
CA SER B 21 -3.87 2.95 -8.53
C SER B 21 -3.01 1.78 -8.96
N ILE B 22 -3.42 1.12 -10.03
CA ILE B 22 -2.73 -0.02 -10.58
C ILE B 22 -2.80 0.07 -12.10
N ALA B 23 -1.70 -0.25 -12.74
CA ALA B 23 -1.61 -0.52 -14.19
C ALA B 23 -0.66 -1.68 -14.39
N VAL B 24 -0.62 -2.26 -15.58
CA VAL B 24 0.28 -3.35 -15.91
C VAL B 24 0.84 -3.11 -17.30
N ARG B 25 2.00 -3.71 -17.53
CA ARG B 25 2.50 -3.96 -18.92
C ARG B 25 2.32 -5.44 -19.12
N SER B 26 1.75 -5.84 -20.23
CA SER B 26 1.51 -7.23 -20.47
C SER B 26 1.64 -7.63 -21.95
N GLY B 27 1.90 -8.90 -22.14
CA GLY B 27 1.87 -9.53 -23.47
C GLY B 27 1.34 -10.93 -23.22
N SER B 28 2.20 -11.92 -23.42
CA SER B 28 1.94 -13.30 -22.99
C SER B 28 2.04 -13.52 -21.46
N TYR B 29 2.80 -12.62 -20.81
CA TYR B 29 2.94 -12.59 -19.35
C TYR B 29 2.65 -11.16 -18.89
N LEU B 30 2.68 -10.99 -17.56
CA LEU B 30 2.80 -9.67 -17.02
C LEU B 30 4.26 -9.25 -17.06
N ASP B 31 4.58 -8.29 -17.89
CA ASP B 31 5.93 -7.72 -17.92
C ASP B 31 6.21 -6.86 -16.72
N ALA B 32 5.20 -6.14 -16.25
CA ALA B 32 5.37 -5.23 -15.16
C ALA B 32 4.04 -4.98 -14.46
N ILE B 33 4.11 -4.67 -13.17
CA ILE B 33 2.99 -4.04 -12.46
C ILE B 33 3.40 -2.66 -12.03
N ILE B 34 2.47 -1.72 -12.05
CA ILE B 34 2.72 -0.32 -11.81
C ILE B 34 1.77 0.02 -10.66
N ILE B 35 2.34 0.34 -9.49
CA ILE B 35 1.55 0.55 -8.29
C ILE B 35 1.73 2.00 -7.85
N ASP B 36 0.65 2.77 -7.86
CA ASP B 36 0.72 4.22 -7.57
C ASP B 36 1.75 4.90 -8.51
N GLY B 37 1.79 4.43 -9.76
CA GLY B 37 2.72 4.93 -10.77
C GLY B 37 4.15 4.37 -10.81
N VAL B 38 4.52 3.67 -9.74
CA VAL B 38 5.85 3.14 -9.61
C VAL B 38 5.93 1.80 -10.33
N HIS B 39 6.85 1.73 -11.27
CA HIS B 39 7.02 0.56 -12.13
C HIS B 39 7.81 -0.57 -11.52
N HIS B 40 7.28 -1.78 -11.61
CA HIS B 40 8.04 -2.97 -11.18
C HIS B 40 7.97 -4.02 -12.29
N GLY B 41 9.15 -4.22 -12.92
CA GLY B 41 9.31 -5.18 -14.00
C GLY B 41 10.00 -4.55 -15.19
N GLY B 42 9.81 -5.14 -16.34
CA GLY B 42 10.51 -4.77 -17.57
C GLY B 42 9.70 -3.83 -18.46
N SER B 43 10.22 -3.57 -19.64
CA SER B 43 9.64 -2.64 -20.57
C SER B 43 8.93 -3.31 -21.76
N GLY B 44 8.83 -4.64 -21.75
CA GLY B 44 8.07 -5.38 -22.71
C GLY B 44 6.56 -5.23 -22.62
N GLY B 45 5.89 -5.85 -23.57
CA GLY B 45 4.46 -5.84 -23.60
C GLY B 45 3.92 -4.48 -23.88
N ASN B 46 2.64 -4.30 -23.56
CA ASN B 46 1.89 -3.09 -23.79
C ASN B 46 1.35 -2.60 -22.46
N LEU B 47 1.31 -1.28 -22.34
CA LEU B 47 0.83 -0.64 -21.11
C LEU B 47 -0.67 -0.50 -21.07
N SER B 48 -1.27 -1.00 -20.00
CA SER B 48 -2.72 -0.89 -19.78
C SER B 48 -3.06 0.53 -19.37
N PRO B 49 -4.34 0.90 -19.47
CA PRO B 49 -4.78 2.08 -18.77
C PRO B 49 -4.54 1.95 -17.25
N THR B 50 -4.48 3.09 -16.57
CA THR B 50 -4.38 3.07 -15.13
C THR B 50 -5.77 2.96 -14.50
N PHE B 51 -5.88 2.12 -13.51
CA PHE B 51 -7.10 1.96 -12.75
C PHE B 51 -6.93 2.66 -11.41
N THR B 52 -7.72 3.70 -11.13
CA THR B 52 -7.61 4.47 -9.93
C THR B 52 -8.81 4.22 -9.02
N PHE B 53 -8.56 3.80 -7.79
CA PHE B 53 -9.64 3.49 -6.87
C PHE B 53 -10.34 4.76 -6.43
N GLY B 54 -11.66 4.73 -6.52
CA GLY B 54 -12.49 5.77 -5.97
C GLY B 54 -12.60 5.69 -4.46
N SER B 55 -13.20 6.71 -3.85
CA SER B 55 -13.48 6.62 -2.46
C SER B 55 -14.40 5.44 -2.08
N GLY B 56 -13.99 4.63 -1.11
CA GLY B 56 -14.77 3.51 -0.70
C GLY B 56 -14.64 2.31 -1.61
N GLU B 57 -13.76 2.38 -2.61
CA GLU B 57 -13.60 1.31 -3.55
C GLU B 57 -12.33 0.55 -3.36
N TYR B 58 -12.45 -0.77 -3.41
CA TYR B 58 -11.32 -1.68 -3.20
C TYR B 58 -11.52 -2.92 -4.04
N ILE B 59 -10.42 -3.67 -4.22
CA ILE B 59 -10.51 -4.94 -4.90
C ILE B 59 -11.23 -5.96 -4.02
N SER B 60 -12.31 -6.53 -4.53
CA SER B 60 -13.16 -7.54 -3.91
C SER B 60 -12.97 -8.93 -4.43
N ASN B 61 -12.56 -9.11 -5.67
CA ASN B 61 -12.34 -10.38 -6.29
C ASN B 61 -11.17 -10.26 -7.22
N MET B 62 -10.34 -11.27 -7.26
CA MET B 62 -9.14 -11.22 -8.17
C MET B 62 -8.86 -12.59 -8.66
N THR B 63 -8.47 -12.73 -9.93
CA THR B 63 -7.96 -13.95 -10.50
C THR B 63 -6.58 -13.70 -11.05
N ILE B 64 -5.63 -14.53 -10.61
CA ILE B 64 -4.22 -14.49 -11.04
C ILE B 64 -3.89 -15.85 -11.69
N ARG B 65 -3.38 -15.83 -12.91
CA ARG B 65 -2.79 -17.05 -13.49
C ARG B 65 -1.28 -16.93 -13.31
N SER B 66 -0.66 -18.04 -12.93
CA SER B 66 0.81 -17.99 -12.67
C SER B 66 1.42 -19.34 -12.80
N GLY B 67 2.70 -19.26 -13.08
CA GLY B 67 3.59 -20.43 -13.08
C GLY B 67 4.89 -19.99 -12.51
N ASP B 68 5.91 -19.94 -13.36
CA ASP B 68 7.17 -19.37 -12.98
C ASP B 68 7.13 -17.84 -12.93
N TYR B 69 6.19 -17.25 -13.65
CA TYR B 69 5.88 -15.80 -13.61
C TYR B 69 4.42 -15.59 -13.33
N ILE B 70 4.00 -14.34 -13.32
CA ILE B 70 2.60 -13.97 -13.36
C ILE B 70 2.18 -13.93 -14.83
N ASP B 71 1.29 -14.83 -15.23
CA ASP B 71 0.80 -14.94 -16.61
C ASP B 71 -0.33 -13.96 -16.87
N ASN B 72 -1.20 -13.75 -15.90
CA ASN B 72 -2.41 -12.95 -16.12
C ASN B 72 -2.96 -12.40 -14.80
N ILE B 73 -3.55 -11.20 -14.87
CA ILE B 73 -4.28 -10.66 -13.69
C ILE B 73 -5.60 -10.09 -14.16
N SER B 74 -6.66 -10.30 -13.37
CA SER B 74 -7.91 -9.65 -13.52
C SER B 74 -8.45 -9.36 -12.16
N PHE B 75 -9.19 -8.25 -11.98
CA PHE B 75 -9.86 -8.03 -10.69
C PHE B 75 -11.14 -7.29 -10.90
N GLU B 76 -11.95 -7.34 -9.85
CA GLU B 76 -13.20 -6.61 -9.79
C GLU B 76 -13.25 -5.91 -8.46
N THR B 77 -13.88 -4.75 -8.41
CA THR B 77 -14.00 -4.01 -7.21
C THR B 77 -15.40 -4.20 -6.59
N ASN B 78 -15.52 -3.74 -5.37
CA ASN B 78 -16.82 -3.75 -4.71
C ASN B 78 -17.81 -2.86 -5.42
N MET B 79 -17.41 -1.92 -6.21
CA MET B 79 -18.34 -1.12 -7.03
C MET B 79 -18.66 -1.71 -8.35
N GLY B 80 -18.20 -2.93 -8.63
CA GLY B 80 -18.49 -3.63 -9.84
C GLY B 80 -17.63 -3.27 -11.02
N ARG B 81 -16.57 -2.49 -10.83
CA ARG B 81 -15.70 -2.17 -11.95
C ARG B 81 -14.65 -3.24 -12.11
N ARG B 82 -14.25 -3.50 -13.33
CA ARG B 82 -13.35 -4.58 -13.66
C ARG B 82 -12.05 -4.02 -14.22
N PHE B 83 -10.95 -4.70 -13.90
CA PHE B 83 -9.65 -4.49 -14.53
C PHE B 83 -9.16 -5.75 -15.22
N GLY B 84 -8.80 -5.72 -16.48
CA GLY B 84 -8.34 -6.90 -17.17
C GLY B 84 -9.49 -7.79 -17.58
N PRO B 85 -9.21 -9.03 -17.92
CA PRO B 85 -7.90 -9.68 -17.77
C PRO B 85 -6.83 -9.11 -18.67
N TYR B 86 -5.61 -9.09 -18.17
CA TYR B 86 -4.42 -8.77 -18.96
C TYR B 86 -3.38 -9.85 -18.83
N GLY B 87 -2.72 -10.21 -19.92
CA GLY B 87 -1.71 -11.22 -20.01
C GLY B 87 -2.15 -12.36 -20.90
N GLY B 88 -1.59 -13.54 -20.63
CA GLY B 88 -1.80 -14.68 -21.50
C GLY B 88 -2.55 -15.78 -20.80
N SER B 89 -2.63 -16.92 -21.46
CA SER B 89 -3.42 -18.06 -21.02
C SER B 89 -2.63 -19.21 -20.38
N GLY B 90 -1.34 -18.99 -20.18
CA GLY B 90 -0.49 -19.95 -19.50
C GLY B 90 -0.64 -19.92 -17.99
N GLY B 91 0.15 -20.76 -17.32
CA GLY B 91 0.03 -20.90 -15.90
C GLY B 91 -1.25 -21.58 -15.45
N SER B 92 -1.49 -21.50 -14.16
CA SER B 92 -2.69 -21.99 -13.52
C SER B 92 -3.39 -20.86 -12.79
N ALA B 93 -4.72 -20.89 -12.79
CA ALA B 93 -5.55 -19.87 -12.16
C ALA B 93 -5.76 -20.13 -10.69
N ASN B 94 -5.80 -19.00 -9.97
CA ASN B 94 -6.19 -18.97 -8.61
C ASN B 94 -6.99 -17.73 -8.34
N THR B 95 -7.96 -17.81 -7.49
CA THR B 95 -8.91 -16.73 -7.29
C THR B 95 -9.05 -16.39 -5.82
N LEU B 96 -9.07 -15.10 -5.53
CA LEU B 96 -9.51 -14.55 -4.21
C LEU B 96 -10.95 -14.09 -4.44
N SER B 97 -11.85 -14.44 -3.55
CA SER B 97 -13.23 -14.08 -3.67
C SER B 97 -13.75 -13.45 -2.37
N ASN B 98 -14.48 -12.37 -2.46
CA ASN B 98 -15.09 -11.70 -1.33
C ASN B 98 -14.02 -11.30 -0.32
N VAL B 99 -13.08 -10.46 -0.79
CA VAL B 99 -11.97 -9.91 -0.04
C VAL B 99 -11.98 -8.41 -0.03
N LYS B 100 -11.01 -7.82 0.69
CA LYS B 100 -10.61 -6.43 0.56
C LYS B 100 -9.09 -6.45 0.41
N VAL B 101 -8.57 -6.17 -0.78
CA VAL B 101 -7.14 -6.11 -0.92
C VAL B 101 -6.58 -4.87 -0.25
N ILE B 102 -5.56 -5.08 0.57
CA ILE B 102 -4.89 -4.07 1.34
C ILE B 102 -3.58 -3.62 0.71
N GLN B 103 -2.77 -4.54 0.21
CA GLN B 103 -1.45 -4.22 -0.36
C GLN B 103 -1.04 -5.26 -1.37
N ILE B 104 -0.25 -4.81 -2.33
CA ILE B 104 0.35 -5.65 -3.36
C ILE B 104 1.85 -5.47 -3.33
N ASN B 105 2.58 -6.53 -2.93
CA ASN B 105 4.01 -6.60 -2.98
C ASN B 105 4.39 -7.66 -4.01
N GLY B 106 5.66 -7.90 -4.26
CA GLY B 106 6.00 -8.98 -5.19
C GLY B 106 7.49 -8.98 -5.49
N SER B 107 7.86 -9.62 -6.61
CA SER B 107 9.21 -9.66 -7.07
C SER B 107 9.20 -9.56 -8.59
N ALA B 108 10.19 -8.89 -9.15
CA ALA B 108 10.23 -8.61 -10.58
C ALA B 108 11.64 -8.48 -11.08
N GLY B 109 11.77 -8.84 -12.34
CA GLY B 109 13.02 -8.68 -13.12
C GLY B 109 12.66 -8.07 -14.49
N ASP B 110 12.88 -8.77 -15.58
CA ASP B 110 12.38 -8.34 -16.87
C ASP B 110 10.86 -8.60 -16.96
N TYR B 111 10.34 -9.48 -16.09
CA TYR B 111 8.92 -9.77 -15.99
C TYR B 111 8.49 -9.67 -14.54
N LEU B 112 7.20 -9.75 -14.34
CA LEU B 112 6.66 -9.89 -13.00
C LEU B 112 6.71 -11.30 -12.58
N ASP B 113 7.66 -11.64 -11.73
CA ASP B 113 7.86 -13.04 -11.29
C ASP B 113 6.84 -13.53 -10.30
N SER B 114 6.47 -12.67 -9.36
CA SER B 114 5.57 -13.10 -8.28
C SER B 114 4.86 -11.91 -7.69
N LEU B 115 3.71 -12.22 -7.06
CA LEU B 115 2.97 -11.26 -6.27
C LEU B 115 2.73 -11.81 -4.88
N ASP B 116 2.75 -10.95 -3.87
CA ASP B 116 2.40 -11.27 -2.51
C ASP B 116 1.26 -10.31 -2.14
N ILE B 117 0.05 -10.82 -2.12
CA ILE B 117 -1.16 -10.02 -2.00
C ILE B 117 -1.60 -10.11 -0.54
N TYR B 118 -1.74 -8.95 0.10
CA TYR B 118 -2.26 -8.86 1.49
C TYR B 118 -3.70 -8.38 1.43
N TYR B 119 -4.56 -9.08 2.16
CA TYR B 119 -5.99 -8.83 2.04
C TYR B 119 -6.73 -9.27 3.30
N GLU B 120 -7.96 -8.80 3.43
CA GLU B 120 -8.88 -9.33 4.44
C GLU B 120 -9.83 -10.27 3.74
N GLN B 121 -10.11 -11.45 4.30
CA GLN B 121 -11.04 -12.43 3.76
C GLN B 121 -12.36 -12.31 4.47
N TYR B 122 -13.41 -12.09 3.70
CA TYR B 122 -14.79 -12.01 4.23
C TYR B 122 -15.57 -13.25 3.86
C2 BGC C . -14.62 16.30 7.92
C3 BGC C . -14.66 15.62 9.25
C4 BGC C . -13.22 15.47 9.79
C5 BGC C . -12.51 16.80 9.67
C6 BGC C . -11.03 16.79 10.10
C1 BGC C . -13.92 17.64 8.05
O1 BGC C . -13.91 18.29 6.82
O2 BGC C . -15.94 16.49 7.37
O3 BGC C . -15.29 14.41 9.27
O4 BGC C . -13.16 15.02 11.13
O5 BGC C . -12.55 17.45 8.41
O6 BGC C . -10.27 16.05 9.11
C2 BGC D . -1.02 25.87 11.37
C3 BGC D . -2.07 25.43 10.34
C4 BGC D . -2.37 23.93 10.56
C5 BGC D . -2.60 23.57 12.02
C6 BGC D . -2.81 22.08 12.20
C1 BGC D . -1.35 25.41 12.76
O1 BGC D . -0.24 25.73 13.59
O2 BGC D . -0.93 27.29 11.34
O3 BGC D . -1.80 25.69 9.01
O4 BGC D . -3.58 23.63 9.80
O5 BGC D . -1.49 23.99 12.82
O6 BGC D . -1.63 21.34 11.82
C2 BGC E . -7.07 16.24 22.45
C3 BGC E . -5.93 17.15 22.05
C4 BGC E . -5.48 16.76 20.63
C5 BGC E . -6.71 16.78 19.70
C6 BGC E . -6.23 16.38 18.27
C1 BGC E . -8.21 16.31 21.42
O1 BGC E . -9.19 15.39 21.75
O2 BGC E . -7.62 16.56 23.72
O3 BGC E . -4.79 16.86 22.89
O4 BGC E . -4.52 17.63 20.22
O5 BGC E . -7.69 15.91 20.16
O6 BGC E . -5.84 15.02 18.16
S SO4 F . 1.93 2.69 24.29
O1 SO4 F . 2.19 1.30 24.59
O2 SO4 F . 0.75 2.59 23.43
O3 SO4 F . 1.76 3.55 25.45
O4 SO4 F . 3.09 3.20 23.58
C1 EDO G . 17.62 -10.55 -9.51
O1 EDO G . 17.58 -10.56 -8.07
C2 EDO G . 16.32 -10.38 -10.28
O2 EDO G . 16.08 -9.15 -11.04
C2 BGC H . 16.07 -11.92 -13.63
C2 BGC H . 16.08 -11.95 -13.69
C3 BGC H . 15.40 -13.21 -13.19
C3 BGC H . 15.40 -13.21 -13.19
C4 BGC H . 13.89 -13.09 -13.44
C4 BGC H . 13.89 -13.08 -13.43
C5 BGC H . 13.64 -12.65 -14.87
C5 BGC H . 13.64 -12.64 -14.87
C6 BGC H . 12.11 -12.48 -15.07
C6 BGC H . 12.12 -12.47 -15.07
C1 BGC H . 15.73 -11.59 -15.06
C1 BGC H . 15.75 -11.61 -15.12
O1 BGC H . 16.35 -10.39 -15.38
O1 BGC H . 16.29 -12.45 -16.09
O2 BGC H . 17.51 -12.16 -13.54
O2 BGC H . 17.53 -12.16 -13.57
O3 BGC H . 15.58 -13.41 -11.78
O3 BGC H . 15.58 -13.40 -11.79
O4 BGC H . 13.22 -14.30 -13.09
O4 BGC H . 13.23 -14.29 -13.10
O5 BGC H . 14.31 -11.47 -15.25
O5 BGC H . 14.31 -11.47 -15.25
O6 BGC H . 11.62 -11.37 -14.38
O6 BGC H . 11.62 -11.36 -14.38
C2 BGC I . 5.46 -9.56 -26.24
C3 BGC I . 6.67 -9.11 -25.45
C4 BGC I . 6.41 -9.40 -23.99
C5 BGC I . 6.03 -10.88 -23.80
C6 BGC I . 5.68 -11.29 -22.37
C1 BGC I . 5.11 -11.02 -25.96
O1 BGC I . 3.98 -11.40 -26.67
O2 BGC I . 5.64 -9.33 -27.64
O3 BGC I . 6.86 -7.72 -25.64
O4 BGC I . 7.57 -9.05 -23.31
O5 BGC I . 4.90 -11.25 -24.59
O6 BGC I . 4.62 -10.51 -21.88
C2 BGC J . 4.21 -22.88 -16.74
C2 BGC J . 4.24 -22.88 -16.75
C3 BGC J . 3.65 -22.12 -17.90
C3 BGC J . 3.66 -22.12 -17.91
C4 BGC J . 3.59 -20.63 -17.58
C4 BGC J . 3.59 -20.64 -17.58
C5 BGC J . 5.01 -20.17 -17.17
C5 BGC J . 5.01 -20.17 -17.17
C6 BGC J . 5.16 -18.70 -16.74
C6 BGC J . 5.17 -18.70 -16.75
C1 BGC J . 5.58 -22.35 -16.40
C1 BGC J . 5.59 -22.34 -16.40
O1 BGC J . 6.06 -22.94 -15.23
O1 BGC J . 6.77 -22.40 -17.17
O2 BGC J . 4.46 -24.26 -17.05
O2 BGC J . 4.47 -24.26 -17.07
O3 BGC J . 2.31 -22.50 -18.16
O3 BGC J . 2.30 -22.50 -18.15
O4 BGC J . 3.13 -19.92 -18.70
O4 BGC J . 3.14 -19.91 -18.71
O5 BGC J . 5.50 -20.94 -16.08
O5 BGC J . 5.49 -20.93 -16.09
O6 BGC J . 4.38 -18.45 -15.59
O6 BGC J . 4.37 -18.46 -15.60
#